data_5VB9
#
_entry.id   5VB9
#
_cell.length_a   36.771
_cell.length_b   55.122
_cell.length_c   143.953
_cell.angle_alpha   90.000
_cell.angle_beta   90.000
_cell.angle_gamma   90.000
#
_symmetry.space_group_name_H-M   'P 21 21 2'
#
loop_
_entity.id
_entity.type
_entity.pdbx_description
1 polymer Interleukin-17A
2 polymer 'Peptide inhibitor'
3 non-polymer 1,2-ETHANEDIOL
4 non-polymer 'CHLORIDE ION'
5 water water
#
loop_
_entity_poly.entity_id
_entity_poly.type
_entity_poly.pdbx_seq_one_letter_code
_entity_poly.pdbx_strand_id
1 'polypeptide(L)'
;GDKNFPRTVMVNLNIHNRNTNTNPKRSSDYYDRSTSPWNLHRNEDPERYPSVIWEAKCRHLGCINADGNVDYHMNSVPIQ
QEILVLRREPPHSPNSFRLEKILVSVGCTCVTPIVHHVA
;
A,B
2 'polypeptide(L)' CWVLEYDMFGALHCR C,D
#
loop_
_chem_comp.id
_chem_comp.type
_chem_comp.name
_chem_comp.formula
CL non-polymer 'CHLORIDE ION' 'Cl -1'
EDO non-polymer 1,2-ETHANEDIOL 'C2 H6 O2'
#
# COMPACT_ATOMS: atom_id res chain seq x y z
N GLY A 1 3.85 22.82 -2.86
CA GLY A 1 4.01 21.80 -3.89
C GLY A 1 2.99 21.89 -5.01
N ASP A 2 3.18 21.05 -6.05
CA ASP A 2 2.30 20.96 -7.23
C ASP A 2 1.21 19.94 -6.90
N LYS A 3 -0.08 20.37 -6.96
CA LYS A 3 -1.24 19.49 -6.67
C LYS A 3 -1.46 18.41 -7.73
N ASN A 4 -0.87 18.57 -8.94
CA ASN A 4 -0.96 17.57 -10.02
C ASN A 4 0.07 16.46 -9.82
N PHE A 5 1.08 16.68 -8.96
CA PHE A 5 2.11 15.68 -8.69
C PHE A 5 1.52 14.48 -7.92
N PRO A 6 1.65 13.21 -8.41
CA PRO A 6 1.05 12.10 -7.67
C PRO A 6 1.74 11.87 -6.31
N ARG A 7 0.98 12.03 -5.19
CA ARG A 7 1.46 11.85 -3.81
C ARG A 7 1.69 10.35 -3.50
N THR A 8 1.12 9.46 -4.32
CA THR A 8 1.27 8.01 -4.27
C THR A 8 1.37 7.45 -5.69
N VAL A 9 2.33 6.54 -5.87
CA VAL A 9 2.48 5.83 -7.14
C VAL A 9 2.50 4.34 -6.86
N MET A 10 2.26 3.52 -7.89
CA MET A 10 2.37 2.06 -7.72
C MET A 10 3.73 1.61 -8.17
N VAL A 11 4.29 0.65 -7.42
CA VAL A 11 5.58 0.08 -7.76
C VAL A 11 5.50 -1.43 -7.70
N ASN A 12 5.92 -2.10 -8.77
CA ASN A 12 6.02 -3.55 -8.77
C ASN A 12 7.44 -3.85 -8.24
N LEU A 13 7.52 -4.53 -7.08
CA LEU A 13 8.84 -4.81 -6.47
C LEU A 13 9.62 -5.95 -7.14
N ASN A 14 9.04 -6.65 -8.13
CA ASN A 14 9.74 -7.75 -8.81
C ASN A 14 10.76 -7.21 -9.83
N ILE A 15 12.01 -7.12 -9.40
CA ILE A 15 13.09 -6.63 -10.26
C ILE A 15 13.42 -7.67 -11.35
N HIS A 16 13.52 -7.27 -12.62
CA HIS A 16 13.89 -8.24 -13.66
C HIS A 16 14.82 -7.66 -14.75
N ASN A 17 14.63 -6.37 -15.10
CA ASN A 17 15.39 -5.67 -16.15
C ASN A 17 15.39 -4.17 -15.95
N SER A 28 39.49 -10.50 -7.97
CA SER A 28 39.47 -10.38 -6.50
C SER A 28 38.94 -9.01 -6.04
N ASP A 29 38.85 -8.79 -4.68
CA ASP A 29 38.30 -7.59 -4.05
C ASP A 29 39.30 -6.46 -3.74
N TYR A 30 38.84 -5.29 -4.08
CA TYR A 30 39.67 -4.09 -3.98
C TYR A 30 39.82 -3.53 -2.60
N TYR A 31 38.85 -3.75 -1.68
CA TYR A 31 38.92 -3.21 -0.31
C TYR A 31 40.24 -3.53 0.39
N ASP A 32 40.85 -4.69 0.05
CA ASP A 32 42.11 -5.18 0.59
C ASP A 32 43.34 -4.76 -0.19
N ARG A 33 43.26 -4.74 -1.53
CA ARG A 33 44.38 -4.50 -2.43
C ARG A 33 44.63 -3.01 -2.72
N SER A 34 43.64 -2.18 -2.40
CA SER A 34 43.75 -0.73 -2.65
C SER A 34 44.85 -0.08 -1.83
N THR A 35 45.48 1.01 -2.37
CA THR A 35 46.43 1.81 -1.59
C THR A 35 45.65 2.61 -0.53
N SER A 36 44.31 2.73 -0.70
CA SER A 36 43.44 3.38 0.31
C SER A 36 42.42 2.30 0.72
N PRO A 37 42.86 1.25 1.43
CA PRO A 37 41.97 0.13 1.76
C PRO A 37 40.86 0.53 2.72
N TRP A 38 39.80 -0.29 2.78
CA TRP A 38 38.67 0.00 3.65
C TRP A 38 38.11 -1.25 4.27
N ASN A 39 37.33 -1.04 5.35
CA ASN A 39 36.60 -2.08 6.03
C ASN A 39 35.13 -1.81 5.75
N LEU A 40 34.29 -2.84 5.95
CA LEU A 40 32.89 -2.68 5.67
C LEU A 40 32.07 -2.90 6.94
N HIS A 41 31.13 -1.98 7.21
CA HIS A 41 30.29 -2.04 8.39
C HIS A 41 28.83 -2.35 7.98
N ARG A 42 28.24 -3.39 8.58
CA ARG A 42 26.87 -3.78 8.20
C ARG A 42 25.82 -3.01 9.00
N ASN A 43 24.71 -2.63 8.32
CA ASN A 43 23.59 -2.02 9.01
C ASN A 43 22.32 -2.73 8.57
N GLU A 44 21.51 -3.16 9.53
CA GLU A 44 20.25 -3.83 9.20
C GLU A 44 19.09 -3.10 9.89
N ASP A 45 18.03 -2.82 9.11
CA ASP A 45 16.83 -2.15 9.59
C ASP A 45 15.63 -2.80 8.87
N PRO A 46 14.81 -3.61 9.57
CA PRO A 46 13.66 -4.27 8.91
C PRO A 46 12.59 -3.30 8.39
N GLU A 47 12.66 -2.01 8.77
CA GLU A 47 11.70 -1.00 8.32
C GLU A 47 12.10 -0.38 6.99
N ARG A 48 13.28 -0.77 6.50
CA ARG A 48 13.87 -0.31 5.27
C ARG A 48 13.92 -1.47 4.27
N TYR A 49 13.77 -1.17 2.96
CA TYR A 49 13.84 -2.16 1.89
C TYR A 49 14.68 -1.50 0.80
N PRO A 50 15.94 -1.94 0.59
CA PRO A 50 16.62 -3.08 1.22
C PRO A 50 16.87 -2.89 2.71
N SER A 51 16.75 -3.98 3.46
CA SER A 51 16.95 -3.97 4.92
C SER A 51 18.41 -3.94 5.32
N VAL A 52 19.33 -4.41 4.48
CA VAL A 52 20.78 -4.47 4.81
C VAL A 52 21.55 -3.61 3.84
N ILE A 53 22.38 -2.70 4.39
CA ILE A 53 23.29 -1.85 3.62
C ILE A 53 24.64 -1.93 4.31
N TRP A 54 25.67 -1.68 3.56
CA TRP A 54 27.02 -1.73 4.10
C TRP A 54 27.69 -0.37 3.91
N GLU A 55 28.53 0.04 4.88
CA GLU A 55 29.20 1.34 4.81
C GLU A 55 30.69 1.09 4.80
N ALA A 56 31.41 1.64 3.81
CA ALA A 56 32.87 1.52 3.77
C ALA A 56 33.46 2.53 4.73
N LYS A 57 34.50 2.10 5.44
CA LYS A 57 35.23 2.99 6.36
C LYS A 57 36.69 2.88 5.96
N CYS A 58 37.35 4.00 5.62
CA CYS A 58 38.75 3.92 5.20
C CYS A 58 39.59 3.40 6.38
N ARG A 59 40.49 2.47 6.10
CA ARG A 59 41.30 1.87 7.17
C ARG A 59 42.28 2.85 7.76
N HIS A 60 42.91 3.65 6.90
CA HIS A 60 43.98 4.54 7.35
C HIS A 60 43.74 5.99 6.99
N LEU A 61 44.50 6.90 7.66
CA LEU A 61 44.50 8.33 7.33
C LEU A 61 45.29 8.54 6.02
N GLY A 62 46.45 7.88 5.92
CA GLY A 62 47.27 7.97 4.72
C GLY A 62 46.98 6.84 3.76
N CYS A 63 47.86 6.68 2.74
CA CYS A 63 47.74 5.59 1.76
C CYS A 63 48.96 4.66 1.88
N ILE A 64 48.77 3.40 1.51
CA ILE A 64 49.81 2.38 1.59
C ILE A 64 50.81 2.56 0.45
N ASN A 65 52.12 2.62 0.79
CA ASN A 65 53.17 2.76 -0.20
C ASN A 65 53.71 1.41 -0.69
N ALA A 66 54.71 1.43 -1.62
CA ALA A 66 55.30 0.20 -2.18
C ALA A 66 55.91 -0.75 -1.13
N ASP A 67 56.32 -0.22 0.05
CA ASP A 67 56.87 -1.01 1.17
C ASP A 67 55.82 -1.58 2.13
N GLY A 68 54.55 -1.27 1.90
CA GLY A 68 53.47 -1.75 2.75
C GLY A 68 53.21 -0.88 3.96
N ASN A 69 53.81 0.31 4.01
CA ASN A 69 53.63 1.24 5.13
C ASN A 69 52.67 2.37 4.79
N VAL A 70 52.11 3.01 5.84
CA VAL A 70 51.22 4.16 5.63
C VAL A 70 52.07 5.40 5.30
N ASP A 71 51.78 6.04 4.17
CA ASP A 71 52.36 7.30 3.71
C ASP A 71 51.37 8.40 4.10
N TYR A 72 51.73 9.23 5.10
CA TYR A 72 50.81 10.28 5.56
C TYR A 72 50.82 11.55 4.71
N HIS A 73 51.63 11.58 3.64
CA HIS A 73 51.69 12.68 2.68
C HIS A 73 50.57 12.54 1.64
N MET A 74 49.76 11.48 1.74
CA MET A 74 48.61 11.24 0.87
C MET A 74 47.45 10.88 1.78
N ASN A 75 46.22 11.06 1.31
CA ASN A 75 45.05 10.80 2.16
C ASN A 75 44.12 9.76 1.57
N SER A 76 43.63 8.85 2.42
CA SER A 76 42.55 7.92 2.02
C SER A 76 41.27 8.71 2.31
N VAL A 77 40.38 8.77 1.32
CA VAL A 77 39.08 9.43 1.46
C VAL A 77 37.97 8.51 0.92
N PRO A 78 36.77 8.57 1.54
CA PRO A 78 35.68 7.73 1.08
C PRO A 78 34.98 8.33 -0.14
N ILE A 79 34.59 7.49 -1.08
CA ILE A 79 33.81 7.89 -2.28
C ILE A 79 32.34 7.61 -1.85
N GLN A 80 31.51 8.66 -1.91
CA GLN A 80 30.13 8.57 -1.41
C GLN A 80 29.12 8.88 -2.49
N GLN A 81 27.94 8.28 -2.34
CA GLN A 81 26.84 8.63 -3.21
C GLN A 81 25.55 8.45 -2.46
N GLU A 82 24.51 9.14 -2.90
CA GLU A 82 23.19 8.92 -2.32
C GLU A 82 22.51 7.80 -3.08
N ILE A 83 21.88 6.89 -2.35
CA ILE A 83 21.14 5.80 -2.98
C ILE A 83 19.67 5.84 -2.51
N LEU A 84 18.80 5.26 -3.31
CA LEU A 84 17.38 5.21 -2.99
C LEU A 84 17.04 3.90 -2.30
N VAL A 85 16.19 4.03 -1.26
CA VAL A 85 15.63 2.88 -0.53
C VAL A 85 14.15 3.19 -0.27
N LEU A 86 13.42 2.19 0.22
CA LEU A 86 12.01 2.35 0.58
C LEU A 86 11.88 2.20 2.09
N ARG A 87 11.15 3.16 2.73
CA ARG A 87 10.92 3.17 4.18
C ARG A 87 9.45 2.77 4.38
N ARG A 88 9.17 1.73 5.18
CA ARG A 88 7.78 1.31 5.42
C ARG A 88 7.04 2.45 6.10
N GLU A 89 5.88 2.82 5.55
CA GLU A 89 5.04 3.91 6.08
C GLU A 89 3.57 3.60 5.79
N PRO A 90 2.73 3.35 6.80
CA PRO A 90 3.00 3.37 8.25
C PRO A 90 4.04 2.32 8.65
N PRO A 91 4.63 2.44 9.85
CA PRO A 91 5.61 1.42 10.28
C PRO A 91 5.04 0.01 10.19
N HIS A 92 5.90 -0.95 9.80
CA HIS A 92 5.63 -2.38 9.63
C HIS A 92 4.74 -2.69 8.43
N SER A 93 4.38 -1.68 7.62
CA SER A 93 3.51 -1.95 6.46
C SER A 93 4.17 -2.87 5.44
N PRO A 94 3.46 -3.91 4.98
CA PRO A 94 4.05 -4.77 3.95
C PRO A 94 3.88 -4.23 2.52
N ASN A 95 3.08 -3.17 2.34
CA ASN A 95 2.74 -2.75 0.98
C ASN A 95 2.64 -1.25 0.77
N SER A 96 3.19 -0.44 1.70
CA SER A 96 3.06 1.02 1.66
C SER A 96 4.40 1.60 2.18
N PHE A 97 5.03 2.46 1.37
CA PHE A 97 6.36 2.99 1.67
C PHE A 97 6.47 4.45 1.30
N ARG A 98 7.55 5.07 1.74
CA ARG A 98 7.97 6.39 1.32
C ARG A 98 9.37 6.22 0.73
N LEU A 99 9.64 6.90 -0.38
CA LEU A 99 10.94 6.89 -1.00
C LEU A 99 11.89 7.64 -0.08
N GLU A 100 13.10 7.13 0.08
CA GLU A 100 14.09 7.71 0.99
C GLU A 100 15.45 7.70 0.31
N LYS A 101 16.29 8.66 0.67
CA LYS A 101 17.67 8.67 0.15
C LYS A 101 18.63 8.58 1.30
N ILE A 102 19.72 7.82 1.10
N ILE A 102 19.73 7.83 1.12
CA ILE A 102 20.76 7.60 2.10
CA ILE A 102 20.74 7.61 2.15
C ILE A 102 22.10 7.88 1.47
C ILE A 102 22.15 7.72 1.57
N LEU A 103 23.00 8.53 2.22
CA LEU A 103 24.37 8.80 1.76
C LEU A 103 25.20 7.63 2.24
N VAL A 104 25.78 6.90 1.29
CA VAL A 104 26.57 5.69 1.54
C VAL A 104 28.00 5.88 1.06
N SER A 105 28.97 5.28 1.78
CA SER A 105 30.38 5.28 1.35
C SER A 105 30.58 3.91 0.73
N VAL A 106 31.01 3.92 -0.53
N VAL A 106 30.98 3.88 -0.54
CA VAL A 106 31.15 2.74 -1.36
CA VAL A 106 31.16 2.61 -1.27
C VAL A 106 32.57 2.12 -1.34
C VAL A 106 32.57 2.06 -1.16
N GLY A 107 33.56 2.95 -1.04
CA GLY A 107 34.94 2.51 -0.99
C GLY A 107 35.78 3.74 -0.78
N CYS A 108 37.09 3.58 -0.81
CA CYS A 108 37.98 4.71 -0.62
C CYS A 108 38.93 4.85 -1.78
N THR A 109 39.40 6.07 -1.98
CA THR A 109 40.42 6.40 -2.97
C THR A 109 41.55 7.18 -2.27
N CYS A 110 42.69 7.32 -2.99
CA CYS A 110 43.83 7.99 -2.40
C CYS A 110 44.00 9.32 -3.10
N VAL A 111 44.00 10.42 -2.35
CA VAL A 111 44.12 11.76 -2.95
C VAL A 111 45.33 12.55 -2.45
N THR A 112 45.81 13.48 -3.29
N THR A 112 45.81 13.49 -3.30
CA THR A 112 46.87 14.40 -2.91
CA THR A 112 46.87 14.43 -2.91
C THR A 112 46.20 15.41 -1.95
C THR A 112 46.20 15.40 -1.94
N PRO A 113 46.79 15.67 -0.76
CA PRO A 113 46.13 16.58 0.19
C PRO A 113 46.13 18.04 -0.26
N ILE A 114 45.27 18.83 0.36
CA ILE A 114 45.25 20.28 0.12
C ILE A 114 46.30 20.85 1.11
N VAL A 115 47.50 21.20 0.58
CA VAL A 115 48.60 21.76 1.37
C VAL A 115 49.24 22.94 0.62
N HIS A 116 49.20 24.13 1.25
CA HIS A 116 49.72 25.38 0.69
C HIS A 116 51.19 25.59 1.01
N HIS A 117 51.98 26.00 -0.01
CA HIS A 117 53.41 26.28 0.11
C HIS A 117 53.58 27.78 0.39
N VAL A 118 53.08 28.21 1.57
CA VAL A 118 53.13 29.58 2.07
C VAL A 118 54.27 29.74 3.06
N ASN B 4 -3.04 -6.34 -20.88
CA ASN B 4 -2.75 -4.91 -20.72
C ASN B 4 -3.62 -4.28 -19.61
N PHE B 5 -4.67 -4.98 -19.17
CA PHE B 5 -5.57 -4.51 -18.13
C PHE B 5 -4.84 -4.42 -16.76
N PRO B 6 -4.82 -3.24 -16.08
CA PRO B 6 -4.11 -3.15 -14.78
C PRO B 6 -4.77 -4.00 -13.70
N ARG B 7 -4.03 -4.97 -13.14
CA ARG B 7 -4.56 -5.81 -12.07
C ARG B 7 -4.91 -4.87 -10.91
N THR B 8 -3.93 -4.05 -10.51
CA THR B 8 -4.10 -3.11 -9.41
C THR B 8 -4.22 -1.68 -9.88
N VAL B 9 -5.14 -0.95 -9.27
CA VAL B 9 -5.33 0.47 -9.51
C VAL B 9 -5.31 1.22 -8.18
N MET B 10 -5.10 2.55 -8.24
CA MET B 10 -5.17 3.34 -7.00
C MET B 10 -6.54 3.97 -6.86
N VAL B 11 -7.07 4.00 -5.64
CA VAL B 11 -8.36 4.64 -5.38
C VAL B 11 -8.24 5.57 -4.16
N ASN B 12 -8.65 6.82 -4.33
CA ASN B 12 -8.75 7.74 -3.21
C ASN B 12 -10.12 7.51 -2.59
N LEU B 13 -10.17 7.05 -1.31
CA LEU B 13 -11.45 6.75 -0.67
C LEU B 13 -12.26 7.98 -0.19
N ASN B 14 -11.67 9.20 -0.30
CA ASN B 14 -12.38 10.40 0.12
C ASN B 14 -13.44 10.82 -0.89
N ILE B 15 -14.69 10.46 -0.62
CA ILE B 15 -15.82 10.78 -1.49
C ILE B 15 -16.12 12.29 -1.46
N HIS B 16 -16.25 12.91 -2.65
CA HIS B 16 -16.61 14.34 -2.79
C HIS B 16 -18.13 14.45 -2.84
N ASN B 17 -18.68 15.51 -2.22
CA ASN B 17 -20.12 15.76 -2.21
C ASN B 17 -20.50 17.04 -2.92
N SER B 28 -37.58 8.00 4.23
CA SER B 28 -38.92 7.68 3.73
C SER B 28 -39.42 6.32 4.22
N ASP B 29 -40.68 6.26 4.71
CA ASP B 29 -41.30 5.04 5.23
C ASP B 29 -42.07 4.24 4.16
N TYR B 30 -41.55 4.22 2.90
CA TYR B 30 -42.16 3.50 1.78
C TYR B 30 -42.30 2.01 2.06
N TYR B 31 -41.38 1.44 2.85
CA TYR B 31 -41.39 0.02 3.24
C TYR B 31 -42.68 -0.40 3.96
N ASP B 32 -43.31 0.55 4.68
CA ASP B 32 -44.56 0.38 5.43
C ASP B 32 -45.81 0.72 4.65
N ARG B 33 -45.76 1.80 3.84
CA ARG B 33 -46.92 2.35 3.10
C ARG B 33 -47.16 1.66 1.75
N SER B 34 -46.15 0.92 1.25
CA SER B 34 -46.26 0.25 -0.03
C SER B 34 -47.34 -0.84 -0.04
N THR B 35 -47.96 -1.08 -1.21
CA THR B 35 -48.91 -2.19 -1.38
C THR B 35 -48.10 -3.51 -1.41
N SER B 36 -46.77 -3.42 -1.63
CA SER B 36 -45.87 -4.56 -1.58
C SER B 36 -44.83 -4.23 -0.49
N PRO B 37 -45.26 -4.20 0.79
CA PRO B 37 -44.36 -3.77 1.86
C PRO B 37 -43.21 -4.72 2.09
N TRP B 38 -42.16 -4.23 2.75
CA TRP B 38 -41.00 -5.04 3.01
C TRP B 38 -40.41 -4.77 4.39
N ASN B 39 -39.58 -5.70 4.84
CA ASN B 39 -38.82 -5.59 6.07
C ASN B 39 -37.37 -5.43 5.67
N LEU B 40 -36.55 -4.87 6.56
CA LEU B 40 -35.14 -4.65 6.26
C LEU B 40 -34.26 -5.41 7.23
N HIS B 41 -33.26 -6.10 6.69
CA HIS B 41 -32.35 -6.93 7.45
C HIS B 41 -30.95 -6.34 7.29
N ARG B 42 -30.30 -6.09 8.43
CA ARG B 42 -28.96 -5.49 8.48
C ARG B 42 -27.87 -6.57 8.41
N ASN B 43 -26.82 -6.29 7.64
CA ASN B 43 -25.67 -7.18 7.57
C ASN B 43 -24.41 -6.36 7.81
N GLU B 44 -23.58 -6.80 8.75
CA GLU B 44 -22.32 -6.11 9.03
C GLU B 44 -21.15 -7.08 8.86
N ASP B 45 -20.11 -6.64 8.14
CA ASP B 45 -18.91 -7.42 7.86
C ASP B 45 -17.73 -6.43 7.88
N PRO B 46 -16.86 -6.47 8.93
CA PRO B 46 -15.73 -5.52 8.97
C PRO B 46 -14.68 -5.71 7.85
N GLU B 47 -14.76 -6.84 7.11
CA GLU B 47 -13.84 -7.13 6.00
C GLU B 47 -14.30 -6.50 4.69
N ARG B 48 -15.49 -5.89 4.73
CA ARG B 48 -16.11 -5.24 3.59
C ARG B 48 -16.18 -3.73 3.84
N TYR B 49 -16.08 -2.93 2.76
CA TYR B 49 -16.17 -1.48 2.81
C TYR B 49 -17.07 -1.08 1.65
N PRO B 50 -18.32 -0.66 1.89
CA PRO B 50 -18.96 -0.41 3.20
C PRO B 50 -19.14 -1.66 4.04
N SER B 51 -18.96 -1.53 5.36
CA SER B 51 -19.12 -2.65 6.30
C SER B 51 -20.57 -3.02 6.58
N VAL B 52 -21.51 -2.07 6.43
CA VAL B 52 -22.93 -2.32 6.70
C VAL B 52 -23.77 -2.14 5.45
N ILE B 53 -24.55 -3.18 5.09
N ILE B 53 -24.55 -3.18 5.11
CA ILE B 53 -25.48 -3.22 3.95
CA ILE B 53 -25.51 -3.20 3.99
C ILE B 53 -26.85 -3.72 4.48
C ILE B 53 -26.87 -3.65 4.54
N TRP B 54 -27.95 -3.25 3.89
CA TRP B 54 -29.32 -3.64 4.26
C TRP B 54 -29.99 -4.40 3.12
N GLU B 55 -30.79 -5.42 3.45
CA GLU B 55 -31.46 -6.24 2.44
C GLU B 55 -32.96 -6.18 2.68
N ALA B 56 -33.72 -5.80 1.66
CA ALA B 56 -35.18 -5.78 1.76
C ALA B 56 -35.72 -7.19 1.57
N LYS B 57 -36.74 -7.54 2.33
CA LYS B 57 -37.40 -8.82 2.19
C LYS B 57 -38.89 -8.52 2.07
N CYS B 58 -39.55 -8.91 0.95
CA CYS B 58 -40.98 -8.63 0.80
C CYS B 58 -41.75 -9.30 1.94
N ARG B 59 -42.69 -8.56 2.55
CA ARG B 59 -43.47 -9.09 3.67
C ARG B 59 -44.41 -10.19 3.25
N HIS B 60 -45.08 -10.00 2.10
CA HIS B 60 -46.10 -10.93 1.64
C HIS B 60 -45.86 -11.48 0.26
N LEU B 61 -46.56 -12.56 -0.10
CA LEU B 61 -46.53 -13.15 -1.43
C LEU B 61 -47.43 -12.28 -2.36
N GLY B 62 -48.57 -11.83 -1.84
CA GLY B 62 -49.48 -10.96 -2.59
C GLY B 62 -49.24 -9.49 -2.29
N CYS B 63 -50.19 -8.63 -2.69
CA CYS B 63 -50.12 -7.18 -2.40
C CYS B 63 -51.32 -6.75 -1.55
N ILE B 64 -51.13 -5.72 -0.74
CA ILE B 64 -52.16 -5.18 0.15
C ILE B 64 -53.20 -4.39 -0.64
N ASN B 65 -54.49 -4.73 -0.47
CA ASN B 65 -55.58 -4.03 -1.15
C ASN B 65 -56.10 -2.84 -0.32
N ALA B 66 -57.11 -2.11 -0.84
CA ALA B 66 -57.70 -0.94 -0.16
C ALA B 66 -58.26 -1.24 1.25
N ASP B 67 -58.66 -2.51 1.52
CA ASP B 67 -59.18 -2.97 2.81
C ASP B 67 -58.10 -3.39 3.82
N GLY B 68 -56.84 -3.39 3.40
CA GLY B 68 -55.72 -3.78 4.25
C GLY B 68 -55.45 -5.27 4.26
N ASN B 69 -56.07 -6.02 3.33
CA ASN B 69 -55.88 -7.47 3.23
C ASN B 69 -54.93 -7.86 2.08
N VAL B 70 -54.34 -9.06 2.16
CA VAL B 70 -53.45 -9.56 1.10
C VAL B 70 -54.30 -10.04 -0.08
N ASP B 71 -54.06 -9.47 -1.26
CA ASP B 71 -54.69 -9.83 -2.53
C ASP B 71 -53.73 -10.76 -3.25
N TYR B 72 -54.08 -12.05 -3.35
CA TYR B 72 -53.19 -13.02 -3.99
C TYR B 72 -53.30 -13.05 -5.53
N HIS B 73 -54.11 -12.16 -6.12
CA HIS B 73 -54.20 -12.02 -7.58
C HIS B 73 -53.07 -11.10 -8.09
N MET B 74 -52.24 -10.58 -7.18
CA MET B 74 -51.10 -9.72 -7.49
C MET B 74 -49.91 -10.27 -6.69
N ASN B 75 -48.68 -9.97 -7.14
CA ASN B 75 -47.48 -10.47 -6.47
C ASN B 75 -46.54 -9.37 -6.00
N SER B 76 -46.01 -9.50 -4.77
CA SER B 76 -44.95 -8.61 -4.27
C SER B 76 -43.65 -9.24 -4.75
N VAL B 77 -42.84 -8.45 -5.44
CA VAL B 77 -41.53 -8.92 -5.94
C VAL B 77 -40.44 -7.94 -5.53
N PRO B 78 -39.23 -8.46 -5.18
CA PRO B 78 -38.15 -7.54 -4.81
C PRO B 78 -37.51 -6.91 -6.05
N ILE B 79 -37.14 -5.63 -5.94
CA ILE B 79 -36.40 -4.89 -6.97
C ILE B 79 -34.93 -5.05 -6.56
N GLN B 80 -34.13 -5.69 -7.42
CA GLN B 80 -32.74 -5.99 -7.12
C GLN B 80 -31.75 -5.35 -8.06
N GLN B 81 -30.54 -5.10 -7.55
CA GLN B 81 -29.46 -4.64 -8.39
C GLN B 81 -28.15 -5.06 -7.78
N GLU B 82 -27.12 -5.17 -8.61
CA GLU B 82 -25.80 -5.49 -8.11
C GLU B 82 -25.11 -4.20 -7.76
N ILE B 83 -24.49 -4.15 -6.60
CA ILE B 83 -23.76 -2.97 -6.15
C ILE B 83 -22.30 -3.33 -5.90
N LEU B 84 -21.43 -2.34 -6.03
CA LEU B 84 -20.01 -2.52 -5.84
C LEU B 84 -19.62 -2.21 -4.40
N VAL B 85 -18.72 -3.04 -3.86
CA VAL B 85 -18.13 -2.86 -2.54
C VAL B 85 -16.65 -3.25 -2.65
N LEU B 86 -15.89 -2.99 -1.60
CA LEU B 86 -14.48 -3.35 -1.55
C LEU B 86 -14.28 -4.40 -0.46
N ARG B 87 -13.59 -5.48 -0.81
CA ARG B 87 -13.29 -6.60 0.09
C ARG B 87 -11.81 -6.48 0.49
N ARG B 88 -11.49 -6.42 1.80
CA ARG B 88 -10.08 -6.33 2.23
C ARG B 88 -9.33 -7.56 1.76
N GLU B 89 -8.18 -7.35 1.08
CA GLU B 89 -7.36 -8.44 0.55
C GLU B 89 -5.89 -8.00 0.54
N PRO B 90 -4.99 -8.59 1.36
CA PRO B 90 -5.21 -9.70 2.31
C PRO B 90 -6.23 -9.36 3.39
N PRO B 91 -6.78 -10.38 4.10
CA PRO B 91 -7.73 -10.06 5.17
C PRO B 91 -7.14 -9.09 6.19
N HIS B 92 -8.00 -8.18 6.70
CA HIS B 92 -7.73 -7.14 7.69
C HIS B 92 -6.88 -5.98 7.13
N SER B 93 -6.54 -6.01 5.82
CA SER B 93 -5.71 -4.93 5.27
C SER B 93 -6.40 -3.57 5.32
N PRO B 94 -5.70 -2.53 5.81
CA PRO B 94 -6.32 -1.19 5.83
C PRO B 94 -6.21 -0.45 4.49
N ASN B 95 -5.44 -0.97 3.54
CA ASN B 95 -5.18 -0.20 2.32
C ASN B 95 -5.11 -1.02 1.03
N SER B 96 -5.61 -2.25 1.05
CA SER B 96 -5.52 -3.17 -0.10
C SER B 96 -6.82 -3.96 -0.19
N PHE B 97 -7.49 -3.90 -1.37
CA PHE B 97 -8.82 -4.50 -1.54
C PHE B 97 -8.96 -5.16 -2.89
N ARG B 98 -10.04 -5.92 -3.04
CA ARG B 98 -10.49 -6.46 -4.30
C ARG B 98 -11.91 -5.92 -4.50
N LEU B 99 -12.22 -5.52 -5.73
CA LEU B 99 -13.55 -5.05 -6.09
C LEU B 99 -14.48 -6.25 -6.02
N GLU B 100 -15.68 -6.05 -5.47
CA GLU B 100 -16.64 -7.12 -5.30
C GLU B 100 -18.03 -6.62 -5.69
N LYS B 101 -18.86 -7.54 -6.16
CA LYS B 101 -20.24 -7.17 -6.46
C LYS B 101 -21.19 -8.00 -5.60
N ILE B 102 -22.24 -7.37 -5.10
CA ILE B 102 -23.26 -8.01 -4.25
C ILE B 102 -24.64 -7.70 -4.82
N LEU B 103 -25.51 -8.73 -4.92
CA LEU B 103 -26.88 -8.55 -5.38
C LEU B 103 -27.71 -8.17 -4.16
N VAL B 104 -28.30 -6.97 -4.19
CA VAL B 104 -29.09 -6.42 -3.10
C VAL B 104 -30.54 -6.21 -3.51
N SER B 105 -31.48 -6.40 -2.58
CA SER B 105 -32.90 -6.14 -2.77
C SER B 105 -33.11 -4.78 -2.09
N VAL B 106 -33.52 -3.80 -2.86
CA VAL B 106 -33.65 -2.42 -2.39
C VAL B 106 -35.04 -2.14 -1.82
N GLY B 107 -36.02 -2.89 -2.29
CA GLY B 107 -37.41 -2.76 -1.91
C GLY B 107 -38.27 -3.66 -2.75
N CYS B 108 -39.60 -3.57 -2.59
CA CYS B 108 -40.49 -4.42 -3.36
C CYS B 108 -41.48 -3.62 -4.15
N THR B 109 -41.96 -4.20 -5.24
CA THR B 109 -43.00 -3.64 -6.09
C THR B 109 -44.14 -4.67 -6.25
N CYS B 110 -45.31 -4.22 -6.73
CA CYS B 110 -46.43 -5.11 -6.92
C CYS B 110 -46.65 -5.33 -8.40
N VAL B 111 -46.60 -6.60 -8.85
CA VAL B 111 -46.73 -6.93 -10.27
C VAL B 111 -47.97 -7.78 -10.59
N THR B 112 -48.52 -7.55 -11.78
CA THR B 112 -49.67 -8.27 -12.35
C THR B 112 -49.10 -9.55 -12.97
N PRO B 113 -49.66 -10.75 -12.69
CA PRO B 113 -49.08 -11.98 -13.27
C PRO B 113 -49.29 -12.10 -14.77
N ILE B 114 -48.23 -12.53 -15.50
CA ILE B 114 -48.18 -12.72 -16.96
C ILE B 114 -49.41 -13.44 -17.51
N CYS C 1 10.06 -11.53 -3.30
CA CYS C 1 11.28 -10.98 -2.71
C CYS C 1 10.98 -10.23 -1.43
N TRP C 2 10.63 -10.99 -0.39
CA TRP C 2 10.27 -10.44 0.92
C TRP C 2 11.42 -9.69 1.56
N VAL C 3 12.65 -10.16 1.35
CA VAL C 3 13.83 -9.59 2.01
C VAL C 3 14.83 -9.24 0.92
N LEU C 4 15.11 -7.96 0.79
CA LEU C 4 16.10 -7.47 -0.20
C LEU C 4 17.30 -6.96 0.56
N GLU C 5 18.51 -7.44 0.21
CA GLU C 5 19.69 -7.02 0.94
C GLU C 5 20.85 -6.76 0.03
N TYR C 6 21.72 -5.82 0.42
CA TYR C 6 23.02 -5.67 -0.22
C TYR C 6 23.97 -6.68 0.43
N ASP C 7 24.88 -7.25 -0.39
CA ASP C 7 25.98 -8.02 0.18
C ASP C 7 27.16 -7.00 0.39
N MET C 8 28.28 -7.45 0.98
CA MET C 8 29.43 -6.55 1.22
C MET C 8 30.14 -6.08 -0.06
N PHE C 9 29.72 -6.60 -1.25
CA PHE C 9 30.32 -6.25 -2.54
C PHE C 9 29.47 -5.26 -3.36
N GLY C 10 28.39 -4.76 -2.77
CA GLY C 10 27.52 -3.80 -3.45
C GLY C 10 26.45 -4.39 -4.36
N ALA C 11 26.22 -5.73 -4.30
CA ALA C 11 25.17 -6.38 -5.10
C ALA C 11 23.93 -6.64 -4.27
N LEU C 12 22.76 -6.55 -4.89
CA LEU C 12 21.49 -6.80 -4.22
C LEU C 12 21.10 -8.28 -4.36
N HIS C 13 20.45 -8.82 -3.32
CA HIS C 13 20.00 -10.22 -3.33
C HIS C 13 18.66 -10.35 -2.67
N CYS C 14 17.82 -11.25 -3.18
CA CYS C 14 16.58 -11.62 -2.53
C CYS C 14 16.88 -12.76 -1.54
N ARG C 15 16.68 -12.51 -0.22
CA ARG C 15 17.00 -13.47 0.85
C ARG C 15 15.81 -14.17 1.41
N CYS D 1 -12.42 8.64 6.64
CA CYS D 1 -13.63 7.84 6.64
C CYS D 1 -13.30 6.35 6.80
N TRP D 2 -12.83 5.99 8.00
CA TRP D 2 -12.50 4.61 8.35
C TRP D 2 -13.69 3.68 8.27
N VAL D 3 -14.89 4.18 8.62
CA VAL D 3 -16.07 3.35 8.66
C VAL D 3 -17.11 3.94 7.71
N LEU D 4 -17.42 3.21 6.65
CA LEU D 4 -18.43 3.62 5.69
C LEU D 4 -19.61 2.67 5.81
N GLU D 5 -20.82 3.21 6.01
CA GLU D 5 -21.98 2.36 6.20
C GLU D 5 -23.18 2.85 5.44
N TYR D 6 -24.04 1.91 5.03
CA TYR D 6 -25.36 2.25 4.52
C TYR D 6 -26.28 2.37 5.72
N ASP D 7 -27.24 3.29 5.65
CA ASP D 7 -28.33 3.33 6.64
C ASP D 7 -29.49 2.48 6.03
N MET D 8 -30.58 2.26 6.76
CA MET D 8 -31.71 1.45 6.25
C MET D 8 -32.47 2.08 5.07
N PHE D 9 -32.12 3.33 4.70
CA PHE D 9 -32.77 4.07 3.61
C PHE D 9 -31.94 4.10 2.31
N GLY D 10 -30.83 3.36 2.28
CA GLY D 10 -29.97 3.29 1.11
C GLY D 10 -28.96 4.41 0.95
N ALA D 11 -28.75 5.24 2.01
CA ALA D 11 -27.75 6.32 1.97
C ALA D 11 -26.46 5.90 2.66
N LEU D 12 -25.33 6.36 2.15
CA LEU D 12 -24.02 6.08 2.73
C LEU D 12 -23.62 7.14 3.75
N HIS D 13 -22.93 6.74 4.83
CA HIS D 13 -22.47 7.66 5.87
C HIS D 13 -21.09 7.28 6.36
N CYS D 14 -20.27 8.29 6.68
CA CYS D 14 -18.98 8.06 7.32
C CYS D 14 -19.23 8.05 8.84
N ARG D 15 -18.98 6.90 9.50
CA ARG D 15 -19.21 6.69 10.94
C ARG D 15 -17.93 6.84 11.76
C1 EDO E . 7.33 -6.40 0.87
O1 EDO E . 6.84 -5.79 2.03
C2 EDO E . 8.86 -6.43 0.98
O2 EDO E . 9.24 -6.87 2.30
C1 EDO F . 50.46 5.62 -2.48
O1 EDO F . 50.06 6.80 -3.21
C2 EDO F . 51.16 6.01 -1.17
O2 EDO F . 52.35 6.74 -1.45
CL CL G . -6.14 -11.61 -9.50
C1 EDO H . -10.79 0.14 -15.99
O1 EDO H . -11.39 0.77 -17.12
C2 EDO H . -9.28 0.36 -16.04
O2 EDO H . -9.07 1.75 -16.23
#